data_3MTJ
#
_entry.id   3MTJ
#
_cell.length_a   67.613
_cell.length_b   67.613
_cell.length_c   224.279
_cell.angle_alpha   90.000
_cell.angle_beta   90.000
_cell.angle_gamma   90.000
#
_symmetry.space_group_name_H-M   'P 42 21 2'
#
loop_
_entity.id
_entity.type
_entity.pdbx_description
1 polymer 'Homoserine dehydrogenase'
2 non-polymer 'SULFATE ION'
3 water water
#
_entity_poly.entity_id   1
_entity_poly.type   'polypeptide(L)'
_entity_poly.pdbx_seq_one_letter_code
;ENLYFQG(MSE)KPIHVGLLGLGTVGGGTLTVLRRNAEEITRRAGREIRVVRAAVRNLDKAEALAGGLPLTTNPFDVVDD
PEIDIVVELIGGLEPARELV(MSE)QAIANGKHVVTANKHLVAKYGNEIFAAAQAKGV(MSE)VTFEAAVAGGIPIIKAL
REGLTANRIEWLAGIINGTSNFILSE(MSE)RDKGAAFDDVLKEAQRLGYAEADPTFDIEGIDAAHKLTILSAIAFGIP
(MSE)QFERAYTEGISQLTREDVRYAEELGYRIKLLGIARRAENGIELRVHPTLIPERRLIANVDGA(MSE)NAVLVKGD
AVGPTLYYGAGAGSEPTASAVVADLVDVTRLHTADPHHRVPHLAFQPDQLADTPILP(MSE)EAVRTAYYLRLRAFDRPG
VLADITRILADSSISIDA(MSE)VQKEPAEGEEQVDIILLTHVTLEKNVNAAIAKIEALDAVAGKV(MSE)RIRLEDLGA
K
;
_entity_poly.pdbx_strand_id   A
#
# COMPACT_ATOMS: atom_id res chain seq x y z
N PHE A 5 -34.68 1.14 25.70
CA PHE A 5 -33.31 1.71 25.99
C PHE A 5 -32.37 1.54 24.82
N GLN A 6 -31.44 2.46 24.70
CA GLN A 6 -30.29 2.28 23.81
C GLN A 6 -29.26 1.35 24.44
N GLY A 7 -28.41 0.76 23.60
CA GLY A 7 -27.18 0.12 24.08
C GLY A 7 -27.31 -1.31 24.56
N LYS A 9 -29.09 -3.88 22.61
CA LYS A 9 -29.05 -4.81 21.49
C LYS A 9 -27.64 -4.81 20.91
N PRO A 10 -26.97 -5.95 20.98
CA PRO A 10 -25.67 -6.15 20.38
C PRO A 10 -25.77 -5.98 18.86
N ILE A 11 -24.70 -5.50 18.23
CA ILE A 11 -24.62 -5.55 16.79
C ILE A 11 -24.01 -6.93 16.47
N HIS A 12 -24.52 -7.57 15.42
CA HIS A 12 -24.12 -8.94 15.14
C HIS A 12 -23.21 -9.00 13.92
N VAL A 13 -22.03 -9.59 14.11
CA VAL A 13 -20.99 -9.56 13.10
C VAL A 13 -20.76 -10.96 12.55
N GLY A 14 -20.55 -11.09 11.25
CA GLY A 14 -20.18 -12.39 10.65
C GLY A 14 -18.88 -12.26 9.89
N LEU A 15 -18.05 -13.31 9.91
CA LEU A 15 -16.77 -13.33 9.19
C LEU A 15 -16.77 -14.19 7.95
N LEU A 16 -16.12 -13.68 6.92
CA LEU A 16 -15.78 -14.48 5.76
C LEU A 16 -14.27 -14.72 5.79
N GLY A 17 -13.87 -15.99 5.89
CA GLY A 17 -12.47 -16.34 6.11
C GLY A 17 -12.18 -16.20 7.60
N LEU A 18 -11.15 -16.88 8.09
CA LEU A 18 -10.71 -16.66 9.45
C LEU A 18 -9.20 -16.40 9.42
N GLY A 19 -8.41 -17.48 9.39
CA GLY A 19 -6.95 -17.37 9.35
C GLY A 19 -6.35 -16.61 10.55
N THR A 20 -5.10 -16.18 10.36
CA THR A 20 -4.36 -15.41 11.36
C THR A 20 -5.08 -14.14 11.81
N VAL A 21 -5.55 -13.36 10.84
CA VAL A 21 -6.21 -12.09 11.13
C VAL A 21 -7.55 -12.31 11.80
N GLY A 22 -8.33 -13.27 11.30
CA GLY A 22 -9.59 -13.63 11.92
C GLY A 22 -9.48 -14.06 13.38
N GLY A 23 -8.58 -14.99 13.64
CA GLY A 23 -8.28 -15.41 15.02
C GLY A 23 -7.89 -14.22 15.89
N GLY A 24 -6.97 -13.40 15.37
CA GLY A 24 -6.60 -12.11 16.00
C GLY A 24 -7.79 -11.21 16.33
N THR A 25 -8.69 -11.06 15.38
CA THR A 25 -9.92 -10.25 15.53
C THR A 25 -10.83 -10.74 16.66
N LEU A 26 -11.05 -12.05 16.75
CA LEU A 26 -11.83 -12.63 17.82
C LEU A 26 -11.16 -12.37 19.18
N THR A 27 -9.85 -12.65 19.27
CA THR A 27 -9.07 -12.37 20.45
C THR A 27 -9.16 -10.88 20.85
N VAL A 28 -9.01 -9.97 19.89
CA VAL A 28 -8.97 -8.52 20.25
C VAL A 28 -10.34 -8.03 20.75
N LEU A 29 -11.40 -8.45 20.07
CA LEU A 29 -12.78 -8.14 20.48
C LEU A 29 -13.10 -8.64 21.89
N ARG A 30 -12.69 -9.85 22.21
CA ARG A 30 -12.92 -10.41 23.54
C ARG A 30 -12.08 -9.67 24.62
N ARG A 31 -10.79 -9.53 24.37
CA ARG A 31 -9.85 -8.96 25.34
C ARG A 31 -10.12 -7.49 25.66
N ASN A 32 -10.51 -6.71 24.65
CA ASN A 32 -10.80 -5.29 24.85
C ASN A 32 -12.27 -4.95 24.88
N ALA A 33 -13.10 -5.98 25.01
CA ALA A 33 -14.58 -5.85 25.08
C ALA A 33 -15.09 -4.60 25.82
N GLU A 34 -14.53 -4.32 26.99
CA GLU A 34 -15.00 -3.19 27.82
C GLU A 34 -14.89 -1.85 27.06
N GLU A 35 -13.68 -1.51 26.62
CA GLU A 35 -13.43 -0.29 25.86
C GLU A 35 -14.21 -0.21 24.54
N ILE A 36 -14.28 -1.32 23.82
CA ILE A 36 -15.00 -1.42 22.53
C ILE A 36 -16.49 -1.10 22.69
N THR A 37 -17.13 -1.73 23.67
CA THR A 37 -18.54 -1.47 24.03
C THR A 37 -18.74 -0.02 24.47
N ARG A 38 -17.87 0.48 25.35
CA ARG A 38 -17.94 1.90 25.73
C ARG A 38 -17.97 2.83 24.52
N ARG A 39 -17.03 2.68 23.60
CA ARG A 39 -16.92 3.61 22.46
C ARG A 39 -18.04 3.39 21.42
N ALA A 40 -18.31 2.13 21.11
CA ALA A 40 -19.36 1.77 20.18
C ALA A 40 -20.79 2.13 20.66
N GLY A 41 -21.03 2.14 21.97
CA GLY A 41 -22.38 2.39 22.48
C GLY A 41 -23.25 1.14 22.59
N ARG A 42 -22.69 0.00 22.21
CA ARG A 42 -23.36 -1.29 22.30
C ARG A 42 -22.33 -2.38 22.07
N GLU A 43 -22.66 -3.59 22.48
CA GLU A 43 -21.78 -4.73 22.33
C GLU A 43 -21.61 -5.09 20.86
N ILE A 44 -20.39 -5.50 20.49
CA ILE A 44 -20.12 -5.99 19.14
C ILE A 44 -19.87 -7.48 19.27
N ARG A 45 -20.77 -8.28 18.70
CA ARG A 45 -20.79 -9.70 18.97
C ARG A 45 -20.63 -10.50 17.67
N VAL A 46 -19.56 -11.30 17.61
CA VAL A 46 -19.32 -12.15 16.45
C VAL A 46 -20.15 -13.42 16.54
N VAL A 47 -20.99 -13.64 15.53
CA VAL A 47 -21.95 -14.75 15.54
C VAL A 47 -21.36 -16.06 14.95
N ARG A 48 -20.64 -15.95 13.84
CA ARG A 48 -20.05 -17.13 13.20
C ARG A 48 -19.05 -16.75 12.12
N ALA A 49 -18.27 -17.73 11.66
CA ALA A 49 -17.34 -17.50 10.58
C ALA A 49 -17.55 -18.53 9.48
N ALA A 50 -17.65 -18.06 8.24
CA ALA A 50 -17.63 -18.94 7.09
C ALA A 50 -16.16 -19.19 6.71
N VAL A 51 -15.78 -20.47 6.69
CA VAL A 51 -14.39 -20.86 6.40
C VAL A 51 -14.38 -22.01 5.40
N ARG A 52 -13.32 -22.06 4.60
CA ARG A 52 -13.13 -23.16 3.65
C ARG A 52 -12.67 -24.44 4.32
N ASN A 53 -11.70 -24.31 5.22
CA ASN A 53 -11.15 -25.48 5.91
C ASN A 53 -11.61 -25.49 7.35
N LEU A 54 -12.48 -26.45 7.68
CA LEU A 54 -13.07 -26.50 9.01
C LEU A 54 -12.07 -26.89 10.09
N ASP A 55 -11.19 -27.85 9.76
CA ASP A 55 -10.24 -28.37 10.73
C ASP A 55 -9.18 -27.34 11.08
N LYS A 56 -8.55 -26.75 10.07
CA LYS A 56 -7.54 -25.71 10.31
C LYS A 56 -8.12 -24.50 11.02
N ALA A 57 -9.42 -24.24 10.79
CA ALA A 57 -10.06 -23.09 11.42
C ALA A 57 -10.35 -23.29 12.92
N GLU A 58 -10.55 -24.55 13.32
CA GLU A 58 -10.85 -24.89 14.72
C GLU A 58 -9.81 -24.35 15.71
N ALA A 59 -8.53 -24.53 15.40
CA ALA A 59 -7.44 -24.03 16.25
C ALA A 59 -7.45 -22.50 16.46
N LEU A 60 -8.02 -21.74 15.53
CA LEU A 60 -7.99 -20.27 15.58
C LEU A 60 -9.30 -19.64 16.04
N ALA A 61 -10.33 -20.46 16.22
CA ALA A 61 -11.70 -19.94 16.34
C ALA A 61 -12.14 -19.69 17.77
N GLY A 62 -11.47 -20.35 18.71
CA GLY A 62 -11.89 -20.36 20.11
C GLY A 62 -13.34 -20.73 20.36
N GLY A 63 -13.85 -21.74 19.65
CA GLY A 63 -15.23 -22.22 19.84
C GLY A 63 -16.33 -21.42 19.15
N LEU A 64 -15.95 -20.46 18.31
CA LEU A 64 -16.92 -19.74 17.51
C LEU A 64 -17.50 -20.71 16.48
N PRO A 65 -18.83 -20.70 16.30
CA PRO A 65 -19.46 -21.55 15.31
C PRO A 65 -18.88 -21.30 13.92
N LEU A 66 -18.69 -22.38 13.18
CA LEU A 66 -18.09 -22.31 11.86
C LEU A 66 -19.02 -22.96 10.87
N THR A 67 -18.97 -22.49 9.62
CA THR A 67 -19.75 -23.06 8.53
C THR A 67 -18.93 -22.94 7.25
N THR A 68 -19.15 -23.84 6.29
CA THR A 68 -18.43 -23.80 5.03
CA THR A 68 -18.44 -23.80 5.01
C THR A 68 -19.26 -23.09 3.94
N ASN A 69 -20.48 -22.70 4.29
CA ASN A 69 -21.34 -21.98 3.35
C ASN A 69 -21.35 -20.48 3.69
N PRO A 70 -20.73 -19.63 2.84
CA PRO A 70 -20.63 -18.20 3.17
C PRO A 70 -21.96 -17.47 3.14
N PHE A 71 -22.96 -18.03 2.48
CA PHE A 71 -24.28 -17.43 2.54
C PHE A 71 -24.97 -17.58 3.91
N ASP A 72 -24.46 -18.47 4.78
CA ASP A 72 -24.94 -18.52 6.17
C ASP A 72 -24.58 -17.25 6.94
N VAL A 73 -23.70 -16.47 6.33
CA VAL A 73 -23.26 -15.20 6.87
C VAL A 73 -23.89 -14.03 6.07
N VAL A 74 -23.67 -13.98 4.77
CA VAL A 74 -24.13 -12.85 3.99
C VAL A 74 -25.64 -12.82 3.73
N ASP A 75 -26.34 -13.94 3.92
CA ASP A 75 -27.81 -13.96 3.74
C ASP A 75 -28.55 -14.08 5.07
N ASP A 76 -27.83 -14.17 6.18
CA ASP A 76 -28.51 -14.29 7.47
C ASP A 76 -29.09 -12.91 7.83
N PRO A 77 -30.44 -12.76 7.89
CA PRO A 77 -31.01 -11.42 8.12
C PRO A 77 -30.54 -10.75 9.43
N GLU A 78 -30.18 -11.55 10.43
CA GLU A 78 -29.72 -11.04 11.72
C GLU A 78 -28.32 -10.44 11.71
N ILE A 79 -27.50 -10.77 10.70
CA ILE A 79 -26.14 -10.22 10.70
C ILE A 79 -26.11 -8.79 10.14
N ASP A 80 -25.53 -7.89 10.90
CA ASP A 80 -25.51 -6.46 10.55
C ASP A 80 -24.24 -6.09 9.82
N ILE A 81 -23.13 -6.71 10.20
CA ILE A 81 -21.82 -6.35 9.63
C ILE A 81 -21.08 -7.60 9.20
N VAL A 82 -20.57 -7.59 7.97
CA VAL A 82 -19.71 -8.68 7.46
C VAL A 82 -18.25 -8.27 7.46
N VAL A 83 -17.38 -9.11 8.04
CA VAL A 83 -15.94 -8.83 8.01
C VAL A 83 -15.32 -9.74 6.97
N GLU A 84 -14.80 -9.14 5.91
CA GLU A 84 -14.28 -9.94 4.82
C GLU A 84 -12.77 -10.08 4.90
N LEU A 85 -12.32 -11.32 5.12
CA LEU A 85 -10.90 -11.66 5.33
C LEU A 85 -10.41 -12.79 4.42
N ILE A 86 -11.10 -12.98 3.31
CA ILE A 86 -10.73 -14.02 2.38
C ILE A 86 -9.45 -13.69 1.58
N GLY A 87 -9.28 -12.41 1.23
CA GLY A 87 -8.22 -12.04 0.29
C GLY A 87 -8.65 -12.47 -1.10
N GLY A 88 -7.86 -12.12 -2.11
CA GLY A 88 -8.17 -12.49 -3.50
C GLY A 88 -9.35 -11.73 -4.07
N LEU A 89 -9.63 -11.97 -5.35
CA LEU A 89 -10.69 -11.26 -6.05
C LEU A 89 -12.02 -12.03 -5.94
N GLU A 90 -11.99 -13.33 -6.24
CA GLU A 90 -13.14 -14.23 -6.10
C GLU A 90 -12.84 -15.38 -5.13
N PRO A 91 -13.82 -15.79 -4.30
CA PRO A 91 -15.21 -15.30 -4.26
C PRO A 91 -15.44 -14.02 -3.45
N ALA A 92 -14.40 -13.35 -2.98
CA ALA A 92 -14.62 -12.15 -2.15
C ALA A 92 -15.54 -11.13 -2.85
N ARG A 93 -15.28 -10.85 -4.14
CA ARG A 93 -16.07 -9.87 -4.88
C ARG A 93 -17.56 -10.19 -4.85
N GLU A 94 -17.91 -11.45 -5.16
CA GLU A 94 -19.28 -11.88 -5.18
C GLU A 94 -19.96 -11.81 -3.83
N LEU A 95 -19.27 -12.25 -2.78
CA LEU A 95 -19.85 -12.25 -1.43
C LEU A 95 -20.04 -10.84 -0.89
N VAL A 96 -19.04 -9.98 -1.13
CA VAL A 96 -19.15 -8.58 -0.77
C VAL A 96 -20.35 -7.89 -1.46
N GLN A 98 -23.06 -9.31 -2.64
CA GLN A 98 -24.25 -9.91 -2.02
C GLN A 98 -24.55 -9.39 -0.59
N ALA A 99 -23.50 -9.17 0.20
CA ALA A 99 -23.65 -8.59 1.52
C ALA A 99 -24.29 -7.20 1.39
N ILE A 100 -23.80 -6.43 0.43
CA ILE A 100 -24.32 -5.08 0.16
C ILE A 100 -25.79 -5.14 -0.32
N ALA A 101 -26.07 -6.04 -1.27
CA ALA A 101 -27.45 -6.22 -1.77
C ALA A 101 -28.43 -6.51 -0.63
N ASN A 102 -27.92 -7.16 0.42
CA ASN A 102 -28.72 -7.53 1.56
C ASN A 102 -28.76 -6.48 2.67
N GLY A 103 -28.18 -5.30 2.42
CA GLY A 103 -28.19 -4.19 3.40
C GLY A 103 -27.25 -4.38 4.59
N LYS A 104 -26.15 -5.07 4.37
CA LYS A 104 -25.14 -5.27 5.40
C LYS A 104 -23.92 -4.40 5.12
N HIS A 105 -23.30 -3.92 6.19
CA HIS A 105 -22.02 -3.21 6.10
C HIS A 105 -20.92 -4.22 5.88
N VAL A 106 -19.80 -3.78 5.31
CA VAL A 106 -18.65 -4.67 5.12
C VAL A 106 -17.40 -4.03 5.66
N VAL A 107 -16.66 -4.76 6.50
CA VAL A 107 -15.34 -4.34 6.96
C VAL A 107 -14.37 -5.31 6.28
N THR A 108 -13.41 -4.78 5.54
CA THR A 108 -12.52 -5.67 4.79
C THR A 108 -11.04 -5.30 4.97
N ALA A 109 -10.19 -6.32 4.83
CA ALA A 109 -8.74 -6.15 4.81
C ALA A 109 -8.19 -6.39 3.38
N ASN A 110 -9.11 -6.53 2.43
CA ASN A 110 -8.77 -7.01 1.10
C ASN A 110 -8.31 -5.90 0.12
N LYS A 111 -7.02 -5.52 0.19
CA LYS A 111 -6.50 -4.41 -0.64
C LYS A 111 -6.59 -4.65 -2.15
N HIS A 112 -6.49 -5.91 -2.56
CA HIS A 112 -6.57 -6.33 -3.96
C HIS A 112 -7.97 -6.07 -4.52
N LEU A 113 -9.00 -6.55 -3.81
CA LEU A 113 -10.38 -6.33 -4.18
C LEU A 113 -10.74 -4.84 -4.23
N VAL A 114 -10.42 -4.12 -3.16
CA VAL A 114 -10.72 -2.68 -3.06
C VAL A 114 -10.00 -1.83 -4.11
N ALA A 115 -8.76 -2.20 -4.45
CA ALA A 115 -8.00 -1.46 -5.45
C ALA A 115 -8.54 -1.69 -6.85
N LYS A 116 -9.00 -2.91 -7.12
CA LYS A 116 -9.52 -3.27 -8.42
C LYS A 116 -11.00 -2.96 -8.60
N TYR A 117 -11.82 -3.22 -7.58
CA TYR A 117 -13.26 -3.06 -7.72
C TYR A 117 -13.90 -2.03 -6.79
N GLY A 118 -13.07 -1.23 -6.14
CA GLY A 118 -13.54 -0.21 -5.22
C GLY A 118 -14.62 0.72 -5.77
N ASN A 119 -14.46 1.17 -7.03
CA ASN A 119 -15.44 2.08 -7.61
C ASN A 119 -16.84 1.46 -7.63
N GLU A 120 -16.96 0.24 -8.14
CA GLU A 120 -18.26 -0.43 -8.25
C GLU A 120 -18.81 -0.81 -6.87
N ILE A 121 -17.93 -1.16 -5.95
CA ILE A 121 -18.34 -1.57 -4.60
C ILE A 121 -18.91 -0.38 -3.80
N PHE A 122 -18.17 0.72 -3.77
CA PHE A 122 -18.60 1.93 -3.05
C PHE A 122 -19.86 2.54 -3.68
N ALA A 123 -19.96 2.49 -5.01
CA ALA A 123 -21.15 2.98 -5.69
C ALA A 123 -22.38 2.19 -5.25
N ALA A 124 -22.24 0.86 -5.19
CA ALA A 124 -23.30 -0.04 -4.76
C ALA A 124 -23.65 0.16 -3.27
N ALA A 125 -22.62 0.38 -2.45
CA ALA A 125 -22.81 0.67 -1.02
C ALA A 125 -23.57 2.00 -0.76
N GLN A 126 -23.18 3.06 -1.45
CA GLN A 126 -23.86 4.34 -1.32
C GLN A 126 -25.34 4.26 -1.78
N ALA A 127 -25.59 3.55 -2.88
CA ALA A 127 -26.97 3.36 -3.37
C ALA A 127 -27.82 2.61 -2.34
N LYS A 128 -27.23 1.60 -1.73
CA LYS A 128 -27.90 0.81 -0.73
C LYS A 128 -27.96 1.54 0.61
N GLY A 129 -27.01 2.42 0.89
CA GLY A 129 -26.97 3.10 2.18
C GLY A 129 -26.20 2.32 3.26
N VAL A 130 -25.26 1.48 2.83
CA VAL A 130 -24.39 0.78 3.77
C VAL A 130 -22.95 1.29 3.70
N VAL A 132 -18.80 0.39 3.59
CA VAL A 132 -17.71 -0.52 3.32
C VAL A 132 -16.47 0.21 3.82
N THR A 133 -15.70 -0.44 4.67
CA THR A 133 -14.52 0.21 5.25
C THR A 133 -13.31 -0.68 5.02
N PHE A 134 -12.12 -0.07 5.03
CA PHE A 134 -10.93 -0.79 4.56
C PHE A 134 -9.67 -0.32 5.28
N GLU A 135 -9.79 0.15 6.52
CA GLU A 135 -8.62 0.55 7.28
C GLU A 135 -7.55 -0.55 7.32
N ALA A 136 -7.96 -1.79 7.56
CA ALA A 136 -7.03 -2.92 7.64
C ALA A 136 -6.41 -3.31 6.30
N ALA A 137 -6.92 -2.74 5.21
CA ALA A 137 -6.38 -3.03 3.88
C ALA A 137 -5.05 -2.34 3.56
N VAL A 138 -4.75 -1.21 4.24
CA VAL A 138 -3.54 -0.42 3.97
CA VAL A 138 -3.54 -0.44 3.96
C VAL A 138 -2.76 -0.10 5.23
N ALA A 139 -1.48 -0.47 5.27
CA ALA A 139 -0.58 -0.16 6.40
C ALA A 139 -1.05 -0.77 7.73
N GLY A 140 -1.68 -1.94 7.66
CA GLY A 140 -1.98 -2.72 8.86
C GLY A 140 -2.64 -1.97 9.99
N GLY A 141 -1.98 -1.94 11.13
CA GLY A 141 -2.51 -1.29 12.32
C GLY A 141 -2.36 0.22 12.43
N ILE A 142 -1.64 0.82 11.48
CA ILE A 142 -1.49 2.26 11.41
C ILE A 142 -2.81 2.89 10.93
N PRO A 143 -3.37 3.84 11.71
CA PRO A 143 -4.68 4.37 11.34
C PRO A 143 -4.61 5.47 10.27
N ILE A 144 -4.06 5.12 9.11
CA ILE A 144 -3.77 6.08 8.06
C ILE A 144 -5.01 6.59 7.32
N ILE A 145 -5.97 5.70 7.08
CA ILE A 145 -7.23 6.09 6.47
C ILE A 145 -7.97 7.07 7.37
N LYS A 146 -8.03 6.80 8.67
CA LYS A 146 -8.65 7.70 9.62
C LYS A 146 -7.89 9.05 9.65
N ALA A 147 -6.58 8.99 9.76
CA ALA A 147 -5.76 10.19 9.64
C ALA A 147 -6.04 10.98 8.35
N LEU A 148 -6.03 10.33 7.19
CA LEU A 148 -6.29 11.04 5.90
C LEU A 148 -7.71 11.55 5.74
N ARG A 149 -8.67 10.75 6.12
CA ARG A 149 -10.05 11.06 5.85
C ARG A 149 -10.63 12.00 6.91
N GLU A 150 -10.16 11.89 8.15
CA GLU A 150 -10.76 12.61 9.29
C GLU A 150 -9.80 13.59 9.94
N GLY A 151 -8.60 13.13 10.28
CA GLY A 151 -7.58 14.02 10.88
C GLY A 151 -7.17 15.17 9.98
N LEU A 152 -7.05 14.88 8.69
CA LEU A 152 -6.49 15.86 7.76
C LEU A 152 -7.53 16.47 6.81
N THR A 153 -8.81 16.38 7.20
CA THR A 153 -9.94 16.89 6.44
C THR A 153 -9.80 18.39 6.11
N ALA A 154 -9.12 19.15 6.97
CA ALA A 154 -8.92 20.58 6.73
C ALA A 154 -7.79 20.86 5.75
N ASN A 155 -7.17 19.81 5.20
CA ASN A 155 -5.98 19.94 4.33
C ASN A 155 -6.20 19.55 2.87
N ARG A 156 -5.59 20.31 1.97
CA ARG A 156 -5.39 19.78 0.63
C ARG A 156 -4.11 18.95 0.72
N ILE A 157 -4.18 17.71 0.26
CA ILE A 157 -3.03 16.84 0.31
C ILE A 157 -2.25 17.09 -0.96
N GLU A 158 -0.98 17.44 -0.80
CA GLU A 158 -0.15 17.73 -1.96
C GLU A 158 0.49 16.44 -2.48
N TRP A 159 0.99 15.59 -1.56
CA TRP A 159 1.57 14.28 -1.88
C TRP A 159 1.71 13.41 -0.63
N LEU A 160 1.86 12.11 -0.84
CA LEU A 160 2.22 11.18 0.23
C LEU A 160 3.22 10.18 -0.34
N ALA A 161 4.11 9.70 0.51
CA ALA A 161 5.04 8.64 0.12
C ALA A 161 4.93 7.54 1.17
N GLY A 162 4.85 6.28 0.74
CA GLY A 162 4.71 5.22 1.72
C GLY A 162 5.62 4.03 1.53
N ILE A 163 6.16 3.55 2.64
CA ILE A 163 6.67 2.19 2.75
C ILE A 163 5.55 1.33 3.33
N ILE A 164 4.92 0.54 2.48
CA ILE A 164 3.67 -0.13 2.82
C ILE A 164 3.64 -1.61 2.43
N ASN A 165 4.81 -2.18 2.17
CA ASN A 165 4.90 -3.63 2.00
C ASN A 165 6.07 -4.14 2.85
N GLY A 166 5.74 -4.93 3.86
CA GLY A 166 6.71 -5.30 4.91
C GLY A 166 7.83 -6.20 4.43
N THR A 167 7.48 -7.13 3.54
CA THR A 167 8.41 -8.11 3.03
C THR A 167 9.49 -7.45 2.16
N SER A 168 9.07 -6.61 1.22
CA SER A 168 10.03 -5.94 0.36
C SER A 168 10.93 -4.97 1.16
N ASN A 169 10.38 -4.37 2.21
CA ASN A 169 11.19 -3.51 3.09
C ASN A 169 12.19 -4.33 3.92
N PHE A 170 11.76 -5.49 4.40
CA PHE A 170 12.65 -6.40 5.16
C PHE A 170 13.86 -6.82 4.32
N ILE A 171 13.61 -7.21 3.08
CA ILE A 171 14.66 -7.57 2.12
C ILE A 171 15.65 -6.43 1.86
N LEU A 172 15.12 -5.24 1.57
CA LEU A 172 15.96 -4.07 1.31
C LEU A 172 16.75 -3.61 2.54
N SER A 173 16.15 -3.77 3.72
CA SER A 173 16.84 -3.53 4.99
C SER A 173 17.97 -4.53 5.22
N GLU A 174 17.68 -5.81 5.02
CA GLU A 174 18.66 -6.86 5.18
C GLU A 174 19.84 -6.75 4.22
N ARG A 176 21.01 -4.04 2.87
CA ARG A 176 21.81 -2.90 3.29
C ARG A 176 22.66 -3.25 4.51
N ASP A 177 22.02 -3.80 5.54
CA ASP A 177 22.71 -4.18 6.78
C ASP A 177 23.77 -5.27 6.56
N LYS A 178 23.40 -6.33 5.86
CA LYS A 178 24.27 -7.51 5.73
C LYS A 178 25.14 -7.57 4.48
N GLY A 179 24.78 -6.82 3.44
CA GLY A 179 25.58 -6.77 2.22
C GLY A 179 25.38 -7.91 1.23
N ALA A 180 24.44 -8.81 1.54
CA ALA A 180 24.20 -9.97 0.68
C ALA A 180 23.35 -9.67 -0.55
N ALA A 181 23.37 -10.62 -1.49
CA ALA A 181 22.61 -10.54 -2.74
C ALA A 181 21.11 -10.66 -2.50
N PHE A 182 20.33 -10.07 -3.40
CA PHE A 182 18.88 -10.14 -3.33
C PHE A 182 18.41 -11.60 -3.25
N ASP A 183 18.99 -12.45 -4.09
CA ASP A 183 18.61 -13.85 -4.21
C ASP A 183 18.61 -14.62 -2.91
N ASP A 184 19.69 -14.47 -2.14
CA ASP A 184 19.87 -15.23 -0.89
C ASP A 184 19.19 -14.54 0.31
N VAL A 185 18.97 -13.24 0.21
CA VAL A 185 18.16 -12.52 1.19
C VAL A 185 16.69 -12.95 1.08
N LEU A 186 16.23 -13.10 -0.17
CA LEU A 186 14.88 -13.59 -0.49
C LEU A 186 14.68 -15.03 -0.03
N LYS A 187 15.69 -15.86 -0.26
CA LYS A 187 15.67 -17.26 0.17
C LYS A 187 15.69 -17.37 1.69
N GLU A 188 16.55 -16.58 2.32
CA GLU A 188 16.66 -16.59 3.77
C GLU A 188 15.37 -16.06 4.42
N ALA A 189 14.75 -15.09 3.76
CA ALA A 189 13.49 -14.53 4.25
C ALA A 189 12.36 -15.56 4.18
N GLN A 190 12.34 -16.35 3.11
CA GLN A 190 11.35 -17.41 2.96
C GLN A 190 11.51 -18.49 4.02
N ARG A 191 12.77 -18.86 4.32
CA ARG A 191 13.10 -19.88 5.31
C ARG A 191 12.68 -19.47 6.73
N LEU A 192 12.87 -18.19 7.06
CA LEU A 192 12.50 -17.66 8.39
C LEU A 192 11.06 -17.14 8.46
N GLY A 193 10.35 -17.20 7.34
CA GLY A 193 8.91 -16.94 7.32
C GLY A 193 8.54 -15.48 7.18
N TYR A 194 9.48 -14.68 6.67
CA TYR A 194 9.22 -13.27 6.38
C TYR A 194 8.68 -13.08 4.97
N ALA A 195 8.90 -14.06 4.11
CA ALA A 195 8.38 -14.04 2.74
C ALA A 195 7.72 -15.37 2.41
N GLU A 196 6.57 -15.29 1.73
CA GLU A 196 5.83 -16.50 1.35
C GLU A 196 6.36 -17.15 0.08
N ALA A 197 6.10 -18.47 -0.06
CA ALA A 197 6.67 -19.30 -1.14
C ALA A 197 6.57 -18.68 -2.53
N ASP A 198 5.44 -18.01 -2.78
CA ASP A 198 5.28 -17.16 -3.97
C ASP A 198 5.21 -15.71 -3.51
N PRO A 199 6.35 -14.99 -3.60
CA PRO A 199 6.46 -13.61 -3.12
C PRO A 199 6.22 -12.53 -4.19
N THR A 200 5.65 -12.92 -5.33
CA THR A 200 5.44 -12.01 -6.47
C THR A 200 4.84 -10.64 -6.09
N PHE A 201 3.72 -10.63 -5.37
CA PHE A 201 3.02 -9.40 -5.01
C PHE A 201 3.87 -8.46 -4.17
N ASP A 202 4.72 -9.05 -3.34
CA ASP A 202 5.66 -8.31 -2.49
C ASP A 202 6.84 -7.75 -3.27
N ILE A 203 7.64 -8.61 -3.88
CA ILE A 203 8.87 -8.15 -4.55
C ILE A 203 8.63 -7.40 -5.88
N GLU A 204 7.43 -7.51 -6.45
CA GLU A 204 7.11 -6.84 -7.71
C GLU A 204 6.36 -5.53 -7.50
N GLY A 205 6.05 -5.22 -6.24
CA GLY A 205 5.42 -3.96 -5.90
C GLY A 205 3.92 -3.92 -6.12
N ILE A 206 3.33 -5.08 -6.39
CA ILE A 206 1.91 -5.19 -6.67
C ILE A 206 1.09 -4.91 -5.41
N ASP A 207 1.44 -5.57 -4.30
CA ASP A 207 0.77 -5.32 -3.03
C ASP A 207 0.84 -3.83 -2.67
N ALA A 208 2.04 -3.28 -2.68
CA ALA A 208 2.19 -1.85 -2.40
C ALA A 208 1.35 -0.97 -3.34
N ALA A 209 1.22 -1.36 -4.60
CA ALA A 209 0.45 -0.58 -5.56
C ALA A 209 -1.07 -0.69 -5.34
N HIS A 210 -1.53 -1.82 -4.83
CA HIS A 210 -2.94 -1.95 -4.40
C HIS A 210 -3.23 -0.91 -3.33
N LYS A 211 -2.38 -0.91 -2.32
CA LYS A 211 -2.51 -0.02 -1.17
C LYS A 211 -2.36 1.46 -1.56
N LEU A 212 -1.37 1.76 -2.39
CA LEU A 212 -1.16 3.14 -2.82
C LEU A 212 -2.38 3.68 -3.59
N THR A 213 -2.96 2.85 -4.47
CA THR A 213 -4.18 3.19 -5.18
C THR A 213 -5.30 3.63 -4.21
N ILE A 214 -5.49 2.86 -3.15
CA ILE A 214 -6.46 3.17 -2.11
C ILE A 214 -6.10 4.49 -1.41
N LEU A 215 -4.84 4.66 -1.04
CA LEU A 215 -4.40 5.89 -0.40
C LEU A 215 -4.64 7.11 -1.27
N SER A 216 -4.39 6.94 -2.58
CA SER A 216 -4.54 7.99 -3.56
C SER A 216 -6.01 8.39 -3.69
N ALA A 217 -6.92 7.41 -3.65
CA ALA A 217 -8.36 7.71 -3.77
C ALA A 217 -8.86 8.60 -2.62
N ILE A 218 -8.36 8.33 -1.42
CA ILE A 218 -8.80 9.02 -0.21
C ILE A 218 -8.06 10.36 -0.03
N ALA A 219 -6.78 10.39 -0.40
CA ALA A 219 -6.00 11.62 -0.33
C ALA A 219 -6.56 12.68 -1.28
N PHE A 220 -6.86 12.29 -2.52
CA PHE A 220 -7.22 13.24 -3.56
C PHE A 220 -8.70 13.25 -3.97
N GLY A 221 -9.51 12.38 -3.38
CA GLY A 221 -10.92 12.30 -3.77
C GLY A 221 -11.13 11.93 -5.25
N ILE A 222 -10.44 10.90 -5.70
CA ILE A 222 -10.56 10.45 -7.09
C ILE A 222 -11.00 8.98 -7.12
N PRO A 223 -11.51 8.48 -8.26
CA PRO A 223 -11.77 7.03 -8.33
C PRO A 223 -10.50 6.19 -8.10
N GLN A 225 -7.93 3.70 -9.48
CA GLN A 225 -7.46 3.60 -10.85
C GLN A 225 -6.16 2.79 -10.88
N PHE A 226 -6.22 1.59 -10.32
CA PHE A 226 -5.05 0.72 -10.16
C PHE A 226 -4.35 0.45 -11.48
N GLU A 227 -5.14 0.21 -12.53
CA GLU A 227 -4.59 -0.10 -13.84
C GLU A 227 -3.63 0.99 -14.34
N ARG A 228 -3.81 2.22 -13.84
CA ARG A 228 -3.04 3.35 -14.32
C ARG A 228 -1.81 3.63 -13.48
N ALA A 229 -1.64 2.87 -12.40
CA ALA A 229 -0.46 2.98 -11.55
C ALA A 229 0.78 2.38 -12.21
N TYR A 230 1.90 3.12 -12.13
CA TYR A 230 3.19 2.58 -12.52
C TYR A 230 3.76 1.74 -11.37
N THR A 231 4.18 0.52 -11.67
CA THR A 231 4.79 -0.36 -10.67
C THR A 231 6.08 -1.00 -11.18
N GLU A 232 7.09 -1.03 -10.31
CA GLU A 232 8.36 -1.71 -10.57
C GLU A 232 8.81 -2.29 -9.23
N GLY A 233 9.33 -3.53 -9.28
CA GLY A 233 9.74 -4.23 -8.09
C GLY A 233 11.24 -4.16 -7.85
N ILE A 234 11.73 -5.03 -6.96
CA ILE A 234 13.10 -4.93 -6.44
C ILE A 234 14.09 -5.96 -6.97
N SER A 235 13.59 -6.94 -7.71
CA SER A 235 14.41 -8.11 -8.08
C SER A 235 15.61 -7.83 -8.99
N GLN A 236 15.66 -6.66 -9.60
CA GLN A 236 16.79 -6.31 -10.48
C GLN A 236 17.90 -5.59 -9.74
N LEU A 237 17.68 -5.31 -8.46
CA LEU A 237 18.62 -4.55 -7.64
C LEU A 237 19.81 -5.41 -7.22
N THR A 238 21.01 -4.84 -7.35
CA THR A 238 22.25 -5.55 -7.06
C THR A 238 22.89 -5.09 -5.75
N ARG A 239 23.85 -5.88 -5.25
CA ARG A 239 24.63 -5.54 -4.05
C ARG A 239 25.34 -4.21 -4.23
N GLU A 240 25.89 -4.01 -5.43
CA GLU A 240 26.64 -2.82 -5.79
C GLU A 240 25.78 -1.57 -5.64
N ASP A 241 24.53 -1.69 -6.08
CA ASP A 241 23.58 -0.58 -6.04
C ASP A 241 23.32 -0.10 -4.61
N VAL A 242 23.05 -1.04 -3.72
CA VAL A 242 22.84 -0.75 -2.31
C VAL A 242 24.08 -0.09 -1.71
N ARG A 243 25.26 -0.63 -2.02
CA ARG A 243 26.51 -0.07 -1.50
C ARG A 243 26.86 1.31 -2.06
N TYR A 244 26.71 1.49 -3.38
CA TYR A 244 26.94 2.79 -4.00
C TYR A 244 25.98 3.86 -3.46
N ALA A 245 24.72 3.49 -3.31
CA ALA A 245 23.70 4.41 -2.74
C ALA A 245 24.06 4.85 -1.33
N GLU A 246 24.52 3.89 -0.52
CA GLU A 246 25.02 4.15 0.82
C GLU A 246 26.18 5.15 0.82
N GLU A 247 27.17 4.92 -0.05
CA GLU A 247 28.34 5.81 -0.15
C GLU A 247 27.94 7.20 -0.65
N LEU A 248 26.87 7.27 -1.44
CA LEU A 248 26.43 8.54 -2.01
C LEU A 248 25.48 9.34 -1.11
N GLY A 249 25.09 8.76 0.04
CA GLY A 249 24.23 9.44 1.03
C GLY A 249 22.74 9.07 1.03
N TYR A 250 22.42 7.91 0.44
CA TYR A 250 21.02 7.51 0.23
C TYR A 250 20.73 6.11 0.76
N ARG A 251 19.45 5.88 1.06
CA ARG A 251 18.93 4.54 1.32
C ARG A 251 17.98 4.16 0.21
N ILE A 252 17.85 2.87 -0.07
CA ILE A 252 16.93 2.41 -1.10
C ILE A 252 15.70 1.72 -0.52
N LYS A 253 14.54 2.28 -0.84
CA LYS A 253 13.26 1.75 -0.39
C LYS A 253 12.35 1.51 -1.57
N LEU A 254 11.43 0.57 -1.41
CA LEU A 254 10.34 0.39 -2.36
C LEU A 254 9.24 1.32 -1.92
N LEU A 255 9.03 2.38 -2.68
CA LEU A 255 8.13 3.45 -2.26
C LEU A 255 6.93 3.54 -3.17
N GLY A 256 5.79 3.81 -2.55
CA GLY A 256 4.61 4.23 -3.30
C GLY A 256 4.52 5.74 -3.21
N ILE A 257 4.42 6.41 -4.35
CA ILE A 257 4.23 7.86 -4.37
C ILE A 257 2.92 8.20 -5.06
N ALA A 258 2.09 8.98 -4.37
CA ALA A 258 0.91 9.56 -4.96
C ALA A 258 1.04 11.08 -4.76
N ARG A 259 0.97 11.84 -5.86
CA ARG A 259 1.31 13.27 -5.84
C ARG A 259 0.52 14.08 -6.86
N ARG A 260 0.05 15.26 -6.46
CA ARG A 260 -0.57 16.19 -7.39
C ARG A 260 0.56 16.85 -8.18
N ALA A 261 0.58 16.64 -9.49
CA ALA A 261 1.54 17.33 -10.36
C ALA A 261 0.81 18.40 -11.16
N GLU A 262 1.54 19.09 -12.03
CA GLU A 262 0.97 20.22 -12.77
C GLU A 262 -0.24 19.83 -13.61
N ASN A 263 -0.11 18.74 -14.36
CA ASN A 263 -1.19 18.31 -15.27
C ASN A 263 -1.87 17.00 -14.89
N GLY A 264 -1.53 16.47 -13.73
CA GLY A 264 -2.14 15.23 -13.31
C GLY A 264 -1.65 14.71 -11.98
N ILE A 265 -2.06 13.48 -11.70
CA ILE A 265 -1.68 12.82 -10.49
C ILE A 265 -0.67 11.72 -10.78
N GLU A 266 0.43 11.72 -10.03
CA GLU A 266 1.42 10.64 -10.07
C GLU A 266 0.90 9.50 -9.19
N LEU A 267 1.00 8.29 -9.71
CA LEU A 267 0.62 7.09 -8.98
C LEU A 267 1.67 6.07 -9.38
N ARG A 268 2.62 5.83 -8.48
CA ARG A 268 3.81 5.05 -8.88
C ARG A 268 4.43 4.31 -7.71
N VAL A 269 4.81 3.07 -7.98
CA VAL A 269 5.58 2.27 -7.04
C VAL A 269 6.88 1.87 -7.72
N HIS A 270 8.00 2.12 -7.04
CA HIS A 270 9.32 1.73 -7.56
C HIS A 270 10.38 1.81 -6.48
N PRO A 271 11.50 1.08 -6.68
CA PRO A 271 12.66 1.32 -5.84
C PRO A 271 13.10 2.78 -5.98
N THR A 272 13.48 3.39 -4.88
CA THR A 272 13.87 4.80 -4.90
C THR A 272 14.91 5.12 -3.84
N LEU A 273 15.86 5.96 -4.23
CA LEU A 273 16.89 6.46 -3.34
C LEU A 273 16.34 7.66 -2.56
N ILE A 274 16.45 7.56 -1.24
CA ILE A 274 16.01 8.61 -0.36
C ILE A 274 17.21 9.02 0.44
N PRO A 275 17.46 10.35 0.58
CA PRO A 275 18.57 10.79 1.41
C PRO A 275 18.49 10.18 2.80
N GLU A 276 19.64 9.75 3.31
CA GLU A 276 19.74 8.99 4.57
C GLU A 276 19.27 9.75 5.81
N ARG A 277 19.24 11.09 5.75
CA ARG A 277 18.78 11.93 6.86
C ARG A 277 17.26 11.80 7.15
N ARG A 278 16.46 11.50 6.13
CA ARG A 278 15.01 11.42 6.26
C ARG A 278 14.55 10.30 7.21
N LEU A 279 13.54 10.58 8.04
CA LEU A 279 13.03 9.55 8.94
C LEU A 279 12.53 8.31 8.20
N ILE A 280 11.80 8.53 7.11
CA ILE A 280 11.25 7.45 6.29
C ILE A 280 12.35 6.56 5.68
N ALA A 281 13.52 7.15 5.42
CA ALA A 281 14.67 6.40 4.90
C ALA A 281 15.20 5.40 5.92
N ASN A 282 14.95 5.63 7.20
CA ASN A 282 15.43 4.78 8.27
C ASN A 282 14.35 3.84 8.85
N VAL A 283 13.26 3.69 8.12
CA VAL A 283 12.18 2.78 8.51
C VAL A 283 12.46 1.37 7.99
N ASP A 284 13.00 0.52 8.87
CA ASP A 284 13.57 -0.78 8.48
C ASP A 284 12.79 -2.01 8.95
N GLY A 285 13.22 -3.18 8.48
CA GLY A 285 12.57 -4.45 8.81
C GLY A 285 11.22 -4.54 8.15
N ALA A 286 10.26 -5.10 8.87
CA ALA A 286 8.92 -5.25 8.34
C ALA A 286 7.98 -4.08 8.68
N ASN A 288 6.07 -0.39 8.45
CA ASN A 288 5.49 0.46 7.42
C ASN A 288 5.55 1.91 7.90
N ALA A 289 5.53 2.84 6.95
CA ALA A 289 5.40 4.27 7.28
C ALA A 289 4.77 4.98 6.09
N VAL A 290 3.87 5.91 6.39
CA VAL A 290 3.33 6.81 5.36
C VAL A 290 3.64 8.25 5.74
N LEU A 291 4.29 8.94 4.82
CA LEU A 291 4.62 10.35 4.97
C LEU A 291 3.58 11.13 4.15
N VAL A 292 2.88 12.06 4.81
CA VAL A 292 1.79 12.80 4.17
C VAL A 292 2.07 14.30 4.21
N LYS A 293 1.98 14.95 3.05
CA LYS A 293 2.15 16.41 2.95
C LYS A 293 0.82 17.14 2.70
N GLY A 294 0.34 17.84 3.72
CA GLY A 294 -0.86 18.67 3.62
C GLY A 294 -0.49 20.14 3.58
N ASP A 295 -1.36 20.96 2.99
CA ASP A 295 -1.02 22.36 2.81
C ASP A 295 -1.02 23.13 4.13
N ALA A 296 -1.93 22.78 5.03
CA ALA A 296 -2.04 23.47 6.32
C ALA A 296 -1.07 22.88 7.35
N VAL A 297 -0.97 21.57 7.39
CA VAL A 297 -0.23 20.90 8.46
C VAL A 297 1.28 20.67 8.13
N GLY A 298 1.63 20.66 6.84
CA GLY A 298 3.00 20.33 6.42
C GLY A 298 3.16 18.82 6.36
N PRO A 299 4.41 18.34 6.46
CA PRO A 299 4.63 16.89 6.45
C PRO A 299 4.30 16.24 7.81
N THR A 300 3.52 15.15 7.76
CA THR A 300 3.27 14.36 8.95
C THR A 300 3.58 12.90 8.62
N LEU A 301 4.02 12.15 9.62
CA LEU A 301 4.43 10.78 9.42
C LEU A 301 3.76 9.84 10.40
N TYR A 302 3.29 8.72 9.85
CA TYR A 302 2.62 7.67 10.60
C TYR A 302 3.42 6.38 10.43
N TYR A 303 3.84 5.80 11.54
CA TYR A 303 4.79 4.69 11.51
C TYR A 303 4.31 3.57 12.41
N GLY A 304 4.55 2.32 11.98
CA GLY A 304 4.22 1.14 12.79
C GLY A 304 4.31 -0.15 11.99
N ALA A 305 3.72 -1.22 12.51
CA ALA A 305 3.63 -2.48 11.78
C ALA A 305 2.53 -2.36 10.71
N GLY A 306 2.82 -2.90 9.53
CA GLY A 306 1.93 -2.79 8.37
C GLY A 306 1.28 -4.09 7.97
N ALA A 307 1.55 -5.15 8.74
CA ALA A 307 0.95 -6.47 8.58
C ALA A 307 0.99 -7.21 9.93
N GLY A 308 0.70 -8.50 9.94
CA GLY A 308 0.69 -9.29 11.17
C GLY A 308 -0.69 -9.40 11.83
N SER A 309 -0.84 -10.44 12.64
CA SER A 309 -2.11 -10.85 13.20
C SER A 309 -2.87 -9.72 13.90
N GLU A 310 -2.30 -9.26 15.02
CA GLU A 310 -3.00 -8.38 15.94
C GLU A 310 -3.00 -6.95 15.48
N PRO A 311 -1.90 -6.50 14.80
CA PRO A 311 -1.97 -5.17 14.18
C PRO A 311 -3.11 -5.05 13.18
N THR A 312 -3.33 -6.07 12.37
CA THR A 312 -4.39 -6.02 11.35
C THR A 312 -5.76 -6.08 12.05
N ALA A 313 -5.88 -6.97 13.04
CA ALA A 313 -7.09 -7.11 13.83
C ALA A 313 -7.44 -5.76 14.47
N SER A 314 -6.42 -5.06 14.94
CA SER A 314 -6.62 -3.76 15.59
C SER A 314 -7.39 -2.81 14.68
N ALA A 315 -7.03 -2.78 13.39
CA ALA A 315 -7.66 -1.92 12.39
C ALA A 315 -9.05 -2.41 12.01
N VAL A 316 -9.23 -3.73 11.94
CA VAL A 316 -10.54 -4.31 11.68
C VAL A 316 -11.54 -3.88 12.78
N VAL A 317 -11.11 -3.97 14.03
CA VAL A 317 -11.98 -3.67 15.16
C VAL A 317 -12.30 -2.16 15.26
N ALA A 318 -11.31 -1.32 14.96
CA ALA A 318 -11.52 0.10 14.90
C ALA A 318 -12.62 0.42 13.86
N ASP A 319 -12.55 -0.25 12.70
CA ASP A 319 -13.57 -0.12 11.67
C ASP A 319 -14.93 -0.65 12.18
N LEU A 320 -14.93 -1.81 12.83
CA LEU A 320 -16.16 -2.28 13.47
C LEU A 320 -16.80 -1.25 14.40
N VAL A 321 -15.96 -0.60 15.22
CA VAL A 321 -16.48 0.44 16.12
C VAL A 321 -17.04 1.60 15.32
N ASP A 322 -16.29 2.12 14.34
CA ASP A 322 -16.78 3.25 13.50
C ASP A 322 -18.12 2.98 12.83
N VAL A 323 -18.24 1.77 12.27
CA VAL A 323 -19.42 1.39 11.53
C VAL A 323 -20.59 1.27 12.49
N THR A 324 -20.36 0.64 13.64
CA THR A 324 -21.36 0.47 14.67
C THR A 324 -21.91 1.83 15.16
N ARG A 325 -21.01 2.77 15.41
CA ARG A 325 -21.41 4.10 15.90
C ARG A 325 -22.37 4.78 14.92
N LEU A 326 -21.98 4.83 13.64
CA LEU A 326 -22.80 5.52 12.62
C LEU A 326 -24.06 4.78 12.22
N HIS A 327 -24.01 3.45 12.22
CA HIS A 327 -25.18 2.63 12.03
C HIS A 327 -26.25 3.01 13.08
N THR A 328 -25.81 3.15 14.32
CA THR A 328 -26.74 3.39 15.44
C THR A 328 -27.23 4.84 15.45
N ALA A 329 -26.31 5.77 15.28
CA ALA A 329 -26.62 7.19 15.33
C ALA A 329 -27.47 7.62 14.15
N ASP A 330 -27.06 7.22 12.96
CA ASP A 330 -27.52 7.91 11.78
C ASP A 330 -28.02 7.02 10.62
N PRO A 331 -29.03 6.17 10.87
CA PRO A 331 -29.56 5.29 9.81
C PRO A 331 -30.22 6.05 8.64
N HIS A 332 -30.58 7.32 8.89
CA HIS A 332 -31.17 8.15 7.85
C HIS A 332 -30.15 8.98 7.07
N HIS A 333 -28.87 8.77 7.35
CA HIS A 333 -27.83 9.39 6.55
C HIS A 333 -27.94 10.92 6.53
N ARG A 334 -28.03 11.52 7.71
CA ARG A 334 -27.96 12.98 7.82
C ARG A 334 -26.56 13.50 7.45
N VAL A 335 -25.53 12.67 7.68
CA VAL A 335 -24.14 13.00 7.39
C VAL A 335 -23.59 11.89 6.48
N PRO A 336 -22.50 12.17 5.74
CA PRO A 336 -21.89 11.13 4.89
C PRO A 336 -21.27 10.06 5.76
N HIS A 337 -21.39 8.79 5.34
CA HIS A 337 -20.85 7.63 6.07
C HIS A 337 -19.60 7.05 5.40
N LEU A 338 -19.60 6.95 4.07
CA LEU A 338 -18.48 6.31 3.35
C LEU A 338 -17.23 7.15 3.31
N ALA A 339 -16.08 6.53 3.55
CA ALA A 339 -14.79 7.19 3.43
C ALA A 339 -14.47 7.53 1.97
N PHE A 340 -14.95 6.70 1.05
CA PHE A 340 -14.87 6.96 -0.40
C PHE A 340 -16.29 7.40 -0.85
N GLN A 341 -16.40 8.60 -1.40
CA GLN A 341 -17.69 9.25 -1.72
C GLN A 341 -17.95 9.32 -3.23
N PRO A 342 -18.68 8.32 -3.79
CA PRO A 342 -18.98 8.28 -5.25
C PRO A 342 -19.66 9.54 -5.82
N ASP A 343 -20.42 10.26 -5.00
CA ASP A 343 -21.02 11.54 -5.42
C ASP A 343 -20.15 12.78 -5.19
N GLN A 344 -18.87 12.58 -4.88
CA GLN A 344 -18.01 13.74 -4.61
C GLN A 344 -16.63 13.64 -5.27
N LEU A 345 -16.56 12.97 -6.43
CA LEU A 345 -15.30 12.59 -7.04
C LEU A 345 -14.75 13.59 -8.08
N ALA A 346 -13.43 13.74 -8.13
CA ALA A 346 -12.78 14.56 -9.15
C ALA A 346 -12.21 13.70 -10.25
N ASP A 347 -12.15 14.24 -11.46
CA ASP A 347 -11.76 13.46 -12.62
C ASP A 347 -10.30 13.68 -13.06
N THR A 348 -9.51 14.29 -12.17
CA THR A 348 -8.08 14.54 -12.41
C THR A 348 -7.36 13.29 -12.95
N PRO A 349 -6.68 13.42 -14.09
CA PRO A 349 -6.12 12.21 -14.68
C PRO A 349 -4.84 11.74 -14.00
N ILE A 350 -4.58 10.43 -14.06
CA ILE A 350 -3.33 9.85 -13.60
C ILE A 350 -2.31 10.04 -14.72
N LEU A 351 -1.09 10.45 -14.37
CA LEU A 351 -0.03 10.61 -15.36
C LEU A 351 0.64 9.27 -15.66
N PRO A 352 0.95 9.01 -16.95
CA PRO A 352 1.87 7.93 -17.29
C PRO A 352 3.22 8.21 -16.64
N GLU A 354 6.13 8.21 -17.83
CA GLU A 354 6.98 9.03 -18.70
C GLU A 354 6.67 10.52 -18.59
N ALA A 355 5.42 10.84 -18.24
CA ALA A 355 5.05 12.24 -18.00
C ALA A 355 5.39 12.74 -16.58
N VAL A 356 6.07 11.91 -15.78
CA VAL A 356 6.41 12.23 -14.39
C VAL A 356 7.85 12.75 -14.23
N ARG A 357 8.04 13.71 -13.34
CA ARG A 357 9.35 14.31 -13.10
C ARG A 357 10.00 13.66 -11.90
N THR A 358 11.24 13.19 -12.07
CA THR A 358 12.00 12.62 -10.97
C THR A 358 13.51 12.64 -11.23
N ALA A 359 14.30 12.43 -10.19
CA ALA A 359 15.76 12.38 -10.34
C ALA A 359 16.22 10.93 -10.41
N TYR A 360 17.42 10.68 -10.89
CA TYR A 360 17.85 9.32 -11.16
C TYR A 360 19.22 8.92 -10.65
N TYR A 361 19.33 7.67 -10.24
CA TYR A 361 20.60 7.01 -10.10
C TYR A 361 20.73 6.16 -11.35
N LEU A 362 21.86 6.33 -12.04
CA LEU A 362 22.15 5.62 -13.27
C LEU A 362 23.51 4.93 -13.14
N ARG A 363 23.54 3.66 -13.50
CA ARG A 363 24.75 2.86 -13.40
C ARG A 363 24.88 2.08 -14.69
N LEU A 364 26.03 2.22 -15.34
CA LEU A 364 26.29 1.53 -16.60
C LEU A 364 27.73 1.05 -16.69
N ARG A 365 27.93 0.07 -17.57
CA ARG A 365 29.24 -0.49 -17.83
C ARG A 365 29.68 0.01 -19.19
N ALA A 366 30.90 0.49 -19.28
CA ALA A 366 31.45 1.02 -20.52
C ALA A 366 32.95 0.77 -20.62
N PHE A 367 33.44 0.78 -21.85
CA PHE A 367 34.87 0.64 -22.13
C PHE A 367 35.54 2.00 -22.00
N ARG A 369 37.73 4.42 -23.03
CA ARG A 369 38.25 5.64 -23.66
C ARG A 369 37.80 6.89 -22.88
N PRO A 370 38.48 8.03 -23.10
CA PRO A 370 38.03 9.29 -22.48
C PRO A 370 36.80 9.87 -23.19
N GLY A 371 36.69 9.63 -24.49
CA GLY A 371 35.53 10.10 -25.27
C GLY A 371 34.19 9.54 -24.85
N VAL A 372 34.22 8.46 -24.06
CA VAL A 372 33.00 7.79 -23.58
C VAL A 372 32.14 8.72 -22.71
N LEU A 373 32.78 9.42 -21.79
CA LEU A 373 32.08 10.35 -20.90
C LEU A 373 31.57 11.56 -21.66
N ALA A 374 32.38 12.04 -22.61
CA ALA A 374 32.00 13.19 -23.45
C ALA A 374 30.71 12.93 -24.23
N ASP A 375 30.57 11.72 -24.76
CA ASP A 375 29.40 11.32 -25.55
C ASP A 375 28.18 11.18 -24.68
N ILE A 376 28.38 10.56 -23.51
CA ILE A 376 27.32 10.37 -22.54
C ILE A 376 26.76 11.72 -22.10
N THR A 377 27.64 12.64 -21.71
CA THR A 377 27.22 13.96 -21.24
C THR A 377 26.55 14.80 -22.33
N ARG A 378 27.01 14.68 -23.58
CA ARG A 378 26.38 15.39 -24.69
C ARG A 378 24.98 14.85 -24.96
N ILE A 379 24.81 13.53 -24.85
CA ILE A 379 23.51 12.89 -24.99
C ILE A 379 22.55 13.42 -23.94
N LEU A 380 23.05 13.56 -22.71
CA LEU A 380 22.24 14.02 -21.60
C LEU A 380 21.81 15.45 -21.81
N ALA A 381 22.75 16.31 -22.22
CA ALA A 381 22.45 17.71 -22.49
C ALA A 381 21.43 17.88 -23.62
N ASP A 382 21.53 17.03 -24.65
CA ASP A 382 20.58 17.02 -25.77
C ASP A 382 19.14 16.75 -25.31
N SER A 383 19.01 15.92 -24.29
CA SER A 383 17.71 15.61 -23.67
C SER A 383 17.41 16.51 -22.47
N SER A 384 18.24 17.55 -22.29
CA SER A 384 18.08 18.55 -21.23
C SER A 384 18.23 17.96 -19.83
N ILE A 385 19.10 16.97 -19.68
CA ILE A 385 19.34 16.35 -18.37
C ILE A 385 20.62 16.88 -17.72
N SER A 386 20.47 17.42 -16.50
CA SER A 386 21.57 17.96 -15.71
C SER A 386 22.10 16.92 -14.74
N ILE A 387 23.43 16.84 -14.64
CA ILE A 387 24.06 15.89 -13.73
C ILE A 387 24.35 16.56 -12.39
N ASP A 388 24.10 15.84 -11.31
CA ASP A 388 24.49 16.27 -9.97
C ASP A 388 25.87 15.75 -9.63
N ALA A 389 26.12 14.48 -9.95
CA ALA A 389 27.37 13.83 -9.60
C ALA A 389 27.68 12.68 -10.54
N VAL A 391 30.57 9.23 -10.68
CA VAL A 391 31.61 8.47 -10.03
C VAL A 391 31.92 7.25 -10.89
N GLN A 392 33.21 6.98 -11.09
CA GLN A 392 33.65 5.91 -11.95
C GLN A 392 34.35 4.81 -11.16
N LYS A 393 33.56 3.96 -10.50
CA LYS A 393 34.07 2.88 -9.66
C LYS A 393 34.07 1.56 -10.41
N GLU A 400 38.43 -4.60 -19.31
CA GLU A 400 38.78 -3.18 -19.38
C GLU A 400 37.54 -2.27 -19.34
N GLN A 401 36.46 -2.77 -18.75
CA GLN A 401 35.22 -2.01 -18.60
C GLN A 401 35.13 -1.37 -17.22
N VAL A 402 34.66 -0.13 -17.17
CA VAL A 402 34.45 0.57 -15.90
C VAL A 402 32.97 0.80 -15.63
N ASP A 403 32.60 0.72 -14.36
CA ASP A 403 31.25 1.00 -13.91
C ASP A 403 31.14 2.49 -13.67
N ILE A 404 30.24 3.16 -14.37
CA ILE A 404 30.08 4.60 -14.17
C ILE A 404 28.70 4.93 -13.61
N ILE A 405 28.69 5.78 -12.59
CA ILE A 405 27.47 6.09 -11.85
C ILE A 405 27.15 7.55 -12.02
N LEU A 406 25.89 7.84 -12.32
CA LEU A 406 25.47 9.20 -12.52
C LEU A 406 24.26 9.49 -11.64
N LEU A 407 24.31 10.63 -10.94
CA LEU A 407 23.10 11.16 -10.29
C LEU A 407 22.65 12.37 -11.04
N THR A 408 21.41 12.34 -11.53
CA THR A 408 20.88 13.44 -12.33
C THR A 408 20.06 14.36 -11.46
N HIS A 409 19.86 15.59 -11.94
CA HIS A 409 18.88 16.50 -11.35
C HIS A 409 17.47 16.01 -11.70
N VAL A 410 16.45 16.66 -11.14
CA VAL A 410 15.07 16.30 -11.43
C VAL A 410 14.74 16.59 -12.89
N THR A 411 14.13 15.63 -13.56
CA THR A 411 13.85 15.76 -14.99
C THR A 411 12.66 14.90 -15.41
N LEU A 412 12.00 15.30 -16.50
CA LEU A 412 10.87 14.57 -17.05
C LEU A 412 11.32 13.18 -17.46
N GLU A 413 10.63 12.13 -17.02
CA GLU A 413 11.05 10.77 -17.34
C GLU A 413 11.25 10.50 -18.85
N LYS A 414 10.34 10.99 -19.71
CA LYS A 414 10.49 10.80 -21.18
C LYS A 414 11.93 11.12 -21.63
N ASN A 415 12.47 12.21 -21.09
CA ASN A 415 13.82 12.66 -21.41
C ASN A 415 14.87 11.60 -21.09
N VAL A 416 14.70 10.96 -19.93
CA VAL A 416 15.64 9.95 -19.47
C VAL A 416 15.55 8.67 -20.29
N ASN A 417 14.33 8.30 -20.68
CA ASN A 417 14.11 7.14 -21.54
C ASN A 417 14.85 7.28 -22.86
N ALA A 418 14.69 8.44 -23.49
CA ALA A 418 15.29 8.73 -24.80
C ALA A 418 16.80 8.80 -24.70
N ALA A 419 17.30 9.46 -23.66
CA ALA A 419 18.73 9.59 -23.45
C ALA A 419 19.37 8.22 -23.18
N ILE A 420 18.69 7.38 -22.42
CA ILE A 420 19.20 6.05 -22.10
C ILE A 420 19.37 5.19 -23.35
N ALA A 421 18.42 5.31 -24.29
CA ALA A 421 18.45 4.56 -25.55
C ALA A 421 19.63 4.95 -26.44
N LYS A 422 20.00 6.23 -26.40
CA LYS A 422 21.15 6.73 -27.15
C LYS A 422 22.45 6.24 -26.50
N ILE A 423 22.51 6.30 -25.17
CA ILE A 423 23.66 5.80 -24.42
C ILE A 423 23.88 4.30 -24.66
N GLU A 424 22.78 3.53 -24.70
CA GLU A 424 22.85 2.09 -24.95
C GLU A 424 23.22 1.76 -26.40
N ALA A 425 23.09 2.75 -27.28
CA ALA A 425 23.46 2.62 -28.70
C ALA A 425 24.95 2.85 -28.95
N LEU A 426 25.61 3.53 -28.02
CA LEU A 426 27.06 3.77 -28.10
C LEU A 426 27.81 2.45 -28.18
N ASP A 427 28.71 2.35 -29.18
CA ASP A 427 29.52 1.15 -29.34
C ASP A 427 30.25 0.80 -28.05
N ALA A 428 30.75 1.83 -27.36
CA ALA A 428 31.51 1.67 -26.12
C ALA A 428 30.70 1.11 -24.93
N VAL A 429 29.36 1.06 -25.07
CA VAL A 429 28.48 0.62 -23.99
C VAL A 429 27.96 -0.80 -24.22
N ALA A 430 28.38 -1.72 -23.35
CA ALA A 430 27.86 -3.09 -23.35
C ALA A 430 26.81 -3.24 -22.25
N GLY A 431 25.67 -3.82 -22.61
CA GLY A 431 24.58 -4.02 -21.67
C GLY A 431 23.69 -2.79 -21.52
N LYS A 432 22.84 -2.82 -20.51
CA LYS A 432 21.86 -1.75 -20.31
C LYS A 432 22.27 -0.78 -19.21
N VAL A 433 21.56 0.36 -19.17
CA VAL A 433 21.69 1.36 -18.13
C VAL A 433 20.67 1.08 -17.03
N ARG A 435 18.55 1.97 -14.21
CA ARG A 435 17.99 3.17 -13.61
C ARG A 435 17.34 2.81 -12.29
N ILE A 436 17.54 3.67 -11.31
CA ILE A 436 16.73 3.66 -10.10
C ILE A 436 16.42 5.09 -9.69
N ARG A 437 15.14 5.35 -9.42
CA ARG A 437 14.69 6.71 -9.19
C ARG A 437 15.09 7.27 -7.82
N LEU A 438 15.06 8.58 -7.68
CA LEU A 438 15.61 9.26 -6.51
C LEU A 438 14.66 10.39 -6.10
N GLU A 439 14.26 10.36 -4.83
CA GLU A 439 13.29 11.32 -4.29
C GLU A 439 13.78 11.88 -2.97
N ASP A 440 13.86 13.21 -2.91
CA ASP A 440 14.31 13.92 -1.74
C ASP A 440 13.31 13.88 -0.56
N LEU A 441 12.01 14.00 -0.86
CA LEU A 441 10.95 13.96 0.16
C LEU A 441 11.10 15.02 1.27
N GLY A 442 11.83 16.08 0.98
CA GLY A 442 12.14 17.10 1.98
C GLY A 442 11.31 18.36 1.83
#